data_1F86
#
_entry.id   1F86
#
_cell.length_a   42.680
_cell.length_b   85.770
_cell.length_c   63.690
_cell.angle_alpha   90.00
_cell.angle_beta   90.00
_cell.angle_gamma   90.00
#
_symmetry.space_group_name_H-M   'P 21 21 2'
#
loop_
_entity.id
_entity.type
_entity.pdbx_description
1 polymer 'TRANSTHYRETIN THR119MET VARIANT'
2 non-polymer "3,5,3',5'-TETRAIODO-L-THYRONINE"
3 water water
#
_entity_poly.entity_id   1
_entity_poly.type   'polypeptide(L)'
_entity_poly.pdbx_seq_one_letter_code
;CPLMVKVLDAVRGSPAINVAVHVFRKAADDTWEPFASGKTSESGELHGLTTEEEFVEGIYKVEIDTKSYWKALGISPFHE
HAEVVFTANDSGPRRYTIAALLSPYSYSTMAVVTN
;
_entity_poly.pdbx_strand_id   A,B
#
loop_
_chem_comp.id
_chem_comp.type
_chem_comp.name
_chem_comp.formula
T44 non-polymer 3,5,3',5'-TETRAIODO-L-THYRONINE 'C15 H11 I4 N O4'
#
# COMPACT_ATOMS: atom_id res chain seq x y z
N CYS A 1 22.58 7.32 -5.15
CA CYS A 1 21.20 6.90 -5.40
C CYS A 1 20.28 7.20 -4.24
N PRO A 2 19.44 8.19 -4.44
CA PRO A 2 18.59 8.56 -3.32
C PRO A 2 17.32 7.74 -3.20
N LEU A 3 17.03 6.84 -4.11
CA LEU A 3 15.82 6.04 -4.00
C LEU A 3 16.20 4.64 -4.47
N MET A 4 16.04 3.66 -3.60
CA MET A 4 16.28 2.26 -3.89
C MET A 4 15.08 1.44 -3.46
N VAL A 5 14.76 0.40 -4.22
CA VAL A 5 13.65 -0.47 -3.89
C VAL A 5 14.18 -1.92 -3.77
N LYS A 6 13.74 -2.61 -2.74
CA LYS A 6 14.18 -4.00 -2.50
C LYS A 6 12.94 -4.85 -2.26
N VAL A 7 12.80 -5.97 -2.93
CA VAL A 7 11.64 -6.82 -2.86
C VAL A 7 12.05 -8.30 -2.63
N LEU A 8 11.42 -8.90 -1.65
CA LEU A 8 11.66 -10.27 -1.25
C LEU A 8 10.39 -11.11 -1.37
N ASP A 9 10.57 -12.38 -1.64
CA ASP A 9 9.51 -13.37 -1.83
C ASP A 9 9.48 -14.31 -0.62
N ALA A 10 8.42 -14.19 0.20
CA ALA A 10 8.28 -14.92 1.43
C ALA A 10 7.83 -16.38 1.22
N VAL A 11 7.40 -16.74 0.00
CA VAL A 11 7.07 -18.13 -0.34
C VAL A 11 8.33 -18.88 -0.62
N ARG A 12 9.24 -18.28 -1.38
CA ARG A 12 10.46 -18.95 -1.83
C ARG A 12 11.64 -18.71 -0.91
N GLY A 13 11.63 -17.69 -0.06
CA GLY A 13 12.83 -17.37 0.73
C GLY A 13 13.95 -16.84 -0.15
N SER A 14 13.60 -15.92 -1.03
CA SER A 14 14.55 -15.45 -2.04
C SER A 14 14.26 -14.02 -2.38
N PRO A 15 15.17 -13.34 -3.04
CA PRO A 15 14.85 -12.05 -3.69
C PRO A 15 13.68 -12.27 -4.65
N ALA A 16 12.86 -11.23 -4.83
CA ALA A 16 11.79 -11.24 -5.83
C ALA A 16 12.38 -10.56 -7.06
N ILE A 17 12.66 -11.36 -8.06
CA ILE A 17 13.39 -10.93 -9.26
C ILE A 17 12.42 -10.50 -10.33
N ASN A 18 12.78 -9.51 -11.12
CA ASN A 18 12.00 -9.04 -12.27
C ASN A 18 10.64 -8.48 -11.82
N VAL A 19 10.60 -7.80 -10.69
CA VAL A 19 9.37 -7.15 -10.23
C VAL A 19 9.37 -5.73 -10.83
N ALA A 20 8.33 -5.39 -11.57
CA ALA A 20 8.19 -4.05 -12.14
C ALA A 20 7.80 -3.07 -11.02
N VAL A 21 8.37 -1.91 -11.08
CA VAL A 21 8.16 -0.84 -10.12
C VAL A 21 7.97 0.48 -10.90
N HIS A 22 6.88 1.17 -10.57
CA HIS A 22 6.60 2.47 -11.15
C HIS A 22 6.52 3.51 -10.02
N VAL A 23 7.23 4.63 -10.21
CA VAL A 23 7.21 5.72 -9.22
C VAL A 23 6.47 6.90 -9.85
N PHE A 24 5.60 7.50 -9.09
CA PHE A 24 4.82 8.68 -9.46
C PHE A 24 5.08 9.77 -8.50
N ARG A 25 4.88 11.02 -8.89
CA ARG A 25 5.07 12.17 -8.05
C ARG A 25 3.84 13.06 -8.22
N LYS A 26 3.27 13.50 -7.10
CA LYS A 26 2.08 14.33 -7.23
C LYS A 26 2.41 15.71 -7.81
N ALA A 27 1.68 16.12 -8.84
CA ALA A 27 1.96 17.38 -9.55
C ALA A 27 1.22 18.53 -8.91
N ALA A 28 1.47 19.75 -9.40
CA ALA A 28 0.86 20.92 -8.79
C ALA A 28 -0.66 20.84 -8.90
N ASP A 29 -1.18 20.15 -9.89
CA ASP A 29 -2.62 20.09 -10.04
C ASP A 29 -3.18 18.83 -9.39
N ASP A 30 -2.41 18.19 -8.55
CA ASP A 30 -2.87 17.09 -7.72
C ASP A 30 -2.99 15.77 -8.44
N THR A 31 -2.48 15.59 -9.67
CA THR A 31 -2.60 14.25 -10.23
C THR A 31 -1.26 13.51 -10.06
N TRP A 32 -1.33 12.19 -10.27
CA TRP A 32 -0.05 11.44 -10.16
C TRP A 32 0.70 11.42 -11.46
N GLU A 33 1.85 12.04 -11.59
CA GLU A 33 2.66 12.15 -12.76
C GLU A 33 3.72 11.05 -12.77
N PRO A 34 3.92 10.36 -13.86
CA PRO A 34 5.00 9.38 -13.93
C PRO A 34 6.34 10.02 -13.67
N PHE A 35 7.12 9.38 -12.80
CA PHE A 35 8.43 9.91 -12.38
C PHE A 35 9.59 9.02 -12.76
N ALA A 36 9.50 7.71 -12.52
CA ALA A 36 10.59 6.79 -12.88
C ALA A 36 10.03 5.38 -12.83
N SER A 37 10.69 4.45 -13.54
CA SER A 37 10.27 3.05 -13.40
C SER A 37 11.46 2.16 -13.66
N GLY A 38 11.32 0.90 -13.27
CA GLY A 38 12.39 -0.06 -13.51
C GLY A 38 11.94 -1.45 -13.04
N LYS A 39 12.86 -2.39 -12.98
CA LYS A 39 12.49 -3.73 -12.47
C LYS A 39 13.62 -4.23 -11.59
N THR A 40 13.25 -5.07 -10.62
CA THR A 40 14.25 -5.60 -9.70
C THR A 40 15.17 -6.56 -10.39
N SER A 41 16.42 -6.54 -9.95
CA SER A 41 17.49 -7.41 -10.40
C SER A 41 17.41 -8.80 -9.80
N GLU A 42 18.46 -9.59 -10.09
CA GLU A 42 18.58 -10.92 -9.47
C GLU A 42 18.72 -10.86 -7.97
N SER A 43 19.12 -9.72 -7.39
CA SER A 43 19.17 -9.61 -5.94
C SER A 43 17.94 -9.00 -5.31
N GLY A 44 16.92 -8.77 -6.18
CA GLY A 44 15.70 -8.17 -5.72
C GLY A 44 15.78 -6.67 -5.55
N GLU A 45 16.83 -6.07 -6.07
CA GLU A 45 17.02 -4.66 -5.88
C GLU A 45 16.86 -3.86 -7.15
N LEU A 46 16.46 -2.62 -6.98
CA LEU A 46 16.26 -1.71 -8.08
C LEU A 46 16.94 -0.40 -7.67
N HIS A 47 18.04 -0.12 -8.38
CA HIS A 47 18.90 1.03 -8.27
C HIS A 47 18.70 1.89 -9.52
N GLY A 48 19.15 3.08 -9.45
CA GLY A 48 19.13 3.86 -10.68
C GLY A 48 17.84 4.53 -11.06
N LEU A 49 16.84 4.55 -10.19
CA LEU A 49 15.56 5.15 -10.55
C LEU A 49 15.70 6.63 -10.79
N THR A 50 16.47 7.36 -10.00
CA THR A 50 16.53 8.84 -10.09
C THR A 50 17.87 9.31 -9.65
N THR A 51 17.99 10.63 -9.61
CA THR A 51 19.21 11.35 -9.25
C THR A 51 18.93 12.29 -8.10
N GLU A 52 19.98 12.72 -7.34
CA GLU A 52 19.67 13.72 -6.30
C GLU A 52 19.10 15.02 -6.90
N GLU A 53 19.56 15.42 -8.10
CA GLU A 53 19.03 16.63 -8.70
C GLU A 53 17.57 16.47 -9.04
N GLU A 54 17.19 15.32 -9.62
CA GLU A 54 15.78 15.18 -10.06
C GLU A 54 14.81 14.88 -8.96
N PHE A 55 15.27 14.26 -7.89
CA PHE A 55 14.44 13.81 -6.79
C PHE A 55 14.21 14.90 -5.81
N VAL A 56 13.39 15.88 -6.24
CA VAL A 56 13.07 17.08 -5.48
C VAL A 56 12.05 16.75 -4.40
N GLU A 57 11.76 17.72 -3.56
CA GLU A 57 10.66 17.54 -2.60
C GLU A 57 9.40 17.19 -3.34
N GLY A 58 8.54 16.43 -2.73
CA GLY A 58 7.22 16.14 -3.24
C GLY A 58 6.63 14.96 -2.52
N ILE A 59 5.45 14.62 -2.94
CA ILE A 59 4.72 13.41 -2.50
C ILE A 59 4.93 12.38 -3.58
N TYR A 60 5.52 11.26 -3.25
CA TYR A 60 5.83 10.19 -4.18
C TYR A 60 5.02 8.95 -3.85
N LYS A 61 4.74 8.20 -4.92
CA LYS A 61 4.04 6.91 -4.83
C LYS A 61 4.92 5.89 -5.52
N VAL A 62 5.35 4.88 -4.78
CA VAL A 62 6.06 3.78 -5.36
C VAL A 62 5.06 2.61 -5.50
N GLU A 63 4.80 2.22 -6.73
CA GLU A 63 3.89 1.14 -7.00
C GLU A 63 4.69 -0.09 -7.43
N ILE A 64 4.58 -1.14 -6.66
CA ILE A 64 5.29 -2.40 -6.87
C ILE A 64 4.31 -3.36 -7.46
N ASP A 65 4.59 -3.87 -8.65
CA ASP A 65 3.61 -4.64 -9.42
C ASP A 65 3.62 -6.12 -9.01
N THR A 66 3.07 -6.34 -7.83
CA THR A 66 3.09 -7.65 -7.18
C THR A 66 2.20 -8.65 -7.93
N LYS A 67 1.02 -8.17 -8.48
CA LYS A 67 0.18 -9.15 -9.15
C LYS A 67 0.89 -9.72 -10.40
N SER A 68 1.57 -8.84 -11.17
CA SER A 68 2.25 -9.29 -12.36
C SER A 68 3.39 -10.22 -11.96
N TYR A 69 4.04 -10.03 -10.86
CA TYR A 69 5.07 -10.92 -10.34
C TYR A 69 4.54 -12.32 -10.03
N TRP A 70 3.47 -12.38 -9.20
CA TRP A 70 2.88 -13.67 -8.81
C TRP A 70 2.36 -14.41 -10.03
N LYS A 71 1.69 -13.65 -10.89
CA LYS A 71 1.18 -14.29 -12.14
C LYS A 71 2.30 -14.71 -13.08
N ALA A 72 3.40 -13.97 -13.27
CA ALA A 72 4.51 -14.52 -14.10
C ALA A 72 5.12 -15.73 -13.50
N LEU A 73 4.88 -16.06 -12.23
CA LEU A 73 5.21 -17.29 -11.52
C LEU A 73 4.09 -18.29 -11.43
N GLY A 74 3.03 -18.01 -12.22
CA GLY A 74 1.93 -18.96 -12.32
C GLY A 74 1.07 -18.91 -11.09
N ILE A 75 0.98 -17.90 -10.22
CA ILE A 75 0.16 -17.84 -9.02
C ILE A 75 -0.94 -16.74 -8.92
N SER A 76 -2.17 -16.84 -8.43
CA SER A 76 -3.23 -15.86 -8.44
C SER A 76 -3.26 -15.09 -7.13
N PRO A 77 -2.68 -13.93 -7.00
CA PRO A 77 -2.61 -13.29 -5.65
C PRO A 77 -3.78 -12.38 -5.37
N PHE A 78 -3.83 -11.83 -4.14
CA PHE A 78 -4.89 -10.96 -3.74
C PHE A 78 -4.79 -9.56 -4.29
N HIS A 79 -3.66 -8.91 -4.10
CA HIS A 79 -3.50 -7.48 -4.36
C HIS A 79 -3.21 -7.24 -5.80
N GLU A 80 -3.61 -6.06 -6.29
CA GLU A 80 -3.16 -5.60 -7.61
C GLU A 80 -1.70 -5.17 -7.59
N HIS A 81 -1.30 -4.45 -6.54
CA HIS A 81 0.05 -3.95 -6.41
C HIS A 81 0.22 -3.64 -4.93
N ALA A 82 1.44 -3.29 -4.53
CA ALA A 82 1.77 -2.78 -3.21
C ALA A 82 2.15 -1.32 -3.48
N GLU A 83 1.63 -0.41 -2.68
CA GLU A 83 1.83 1.01 -2.80
C GLU A 83 2.54 1.55 -1.56
N VAL A 84 3.43 2.47 -1.86
CA VAL A 84 4.08 3.18 -0.79
C VAL A 84 4.03 4.68 -1.12
N VAL A 85 3.32 5.44 -0.30
CA VAL A 85 3.09 6.85 -0.57
C VAL A 85 3.65 7.69 0.51
N PHE A 86 4.56 8.64 0.21
CA PHE A 86 5.30 9.35 1.25
C PHE A 86 5.79 10.71 0.73
N THR A 87 5.91 11.66 1.64
CA THR A 87 6.57 12.92 1.34
C THR A 87 8.06 12.73 1.45
N ALA A 88 8.79 13.18 0.43
CA ALA A 88 10.25 13.02 0.40
C ALA A 88 10.93 14.37 0.44
N ASN A 89 12.11 14.42 1.05
CA ASN A 89 13.05 15.51 0.95
C ASN A 89 12.50 16.82 1.50
N ASP A 90 11.56 16.80 2.41
CA ASP A 90 10.99 18.05 2.92
C ASP A 90 11.84 18.70 4.03
N SER A 91 12.88 18.08 4.53
CA SER A 91 13.92 18.60 5.40
C SER A 91 15.27 18.51 4.73
N GLY A 92 15.29 18.56 3.42
CA GLY A 92 16.53 18.46 2.67
C GLY A 92 16.67 17.05 2.14
N PRO A 93 17.70 16.84 1.31
CA PRO A 93 17.84 15.54 0.65
C PRO A 93 18.05 14.41 1.64
N ARG A 94 17.37 13.31 1.41
CA ARG A 94 17.60 12.07 2.12
C ARG A 94 17.71 10.93 1.13
N ARG A 95 18.21 9.81 1.68
CA ARG A 95 18.22 8.59 0.85
C ARG A 95 17.19 7.62 1.42
N TYR A 96 16.38 7.06 0.53
CA TYR A 96 15.27 6.24 0.87
C TYR A 96 15.49 4.84 0.30
N THR A 97 15.37 3.85 1.18
CA THR A 97 15.24 2.44 0.71
C THR A 97 13.83 1.98 1.02
N ILE A 98 13.08 1.62 0.02
CA ILE A 98 11.68 1.12 0.17
C ILE A 98 11.77 -0.38 -0.04
N ALA A 99 11.43 -1.12 1.02
CA ALA A 99 11.50 -2.58 0.99
C ALA A 99 10.11 -3.17 1.08
N ALA A 100 9.88 -4.28 0.41
CA ALA A 100 8.62 -4.99 0.47
C ALA A 100 8.86 -6.50 0.55
N LEU A 101 8.10 -7.13 1.44
CA LEU A 101 8.14 -8.58 1.64
C LEU A 101 6.80 -9.11 1.15
N LEU A 102 6.83 -9.98 0.13
CA LEU A 102 5.60 -10.38 -0.55
C LEU A 102 5.14 -11.80 -0.24
N SER A 103 3.86 -11.95 0.03
CA SER A 103 3.16 -13.22 0.06
C SER A 103 1.91 -13.10 -0.80
N PRO A 104 1.30 -14.22 -1.20
CA PRO A 104 0.12 -14.08 -2.10
C PRO A 104 -0.99 -13.24 -1.55
N TYR A 105 -1.30 -13.30 -0.23
CA TYR A 105 -2.41 -12.55 0.37
C TYR A 105 -1.93 -11.52 1.36
N SER A 106 -0.65 -11.16 1.38
CA SER A 106 -0.18 -10.17 2.31
C SER A 106 1.09 -9.54 1.82
N TYR A 107 1.42 -8.36 2.30
CA TYR A 107 2.78 -7.85 2.15
C TYR A 107 3.08 -6.94 3.32
N SER A 108 4.37 -6.73 3.52
CA SER A 108 4.88 -5.79 4.48
C SER A 108 5.80 -4.85 3.73
N THR A 109 5.75 -3.59 4.10
CA THR A 109 6.68 -2.64 3.52
C THR A 109 7.31 -1.82 4.64
N MET A 110 8.55 -1.41 4.39
CA MET A 110 9.28 -0.63 5.39
C MET A 110 10.18 0.33 4.62
N ALA A 111 10.42 1.48 5.23
CA ALA A 111 11.29 2.49 4.67
C ALA A 111 12.47 2.74 5.62
N VAL A 112 13.67 2.69 5.04
CA VAL A 112 14.84 3.15 5.75
C VAL A 112 15.24 4.49 5.13
N VAL A 113 15.34 5.47 5.98
CA VAL A 113 15.64 6.84 5.53
C VAL A 113 16.94 7.26 6.22
N THR A 114 17.91 7.64 5.40
CA THR A 114 19.21 8.06 5.94
C THR A 114 19.58 9.41 5.38
N ASN A 115 20.40 10.11 6.18
CA ASN A 115 20.82 11.46 5.81
C ASN A 115 22.27 11.38 5.37
N CYS B 1 -21.85 -8.59 6.27
CA CYS B 1 -21.20 -7.70 5.33
C CYS B 1 -19.92 -8.27 4.73
N PRO B 2 -19.86 -8.02 3.43
CA PRO B 2 -18.83 -8.60 2.62
C PRO B 2 -17.46 -7.95 2.78
N LEU B 3 -17.32 -6.76 3.39
CA LEU B 3 -16.04 -6.07 3.54
C LEU B 3 -15.86 -5.50 4.93
N MET B 4 -14.81 -5.89 5.62
CA MET B 4 -14.47 -5.40 6.94
C MET B 4 -13.01 -4.94 6.91
N VAL B 5 -12.73 -3.90 7.65
CA VAL B 5 -11.35 -3.39 7.75
C VAL B 5 -10.96 -3.36 9.22
N LYS B 6 -9.76 -3.84 9.53
CA LYS B 6 -9.24 -3.89 10.87
C LYS B 6 -7.86 -3.25 10.90
N VAL B 7 -7.66 -2.36 11.85
CA VAL B 7 -6.40 -1.59 11.93
C VAL B 7 -5.84 -1.66 13.32
N LEU B 8 -4.55 -2.06 13.40
CA LEU B 8 -3.87 -2.22 14.67
C LEU B 8 -2.65 -1.34 14.75
N ASP B 9 -2.25 -0.96 15.96
CA ASP B 9 -1.12 -0.08 16.25
C ASP B 9 -0.03 -0.87 16.90
N ALA B 10 1.09 -1.06 16.22
CA ALA B 10 2.23 -1.84 16.68
C ALA B 10 3.16 -1.11 17.63
N VAL B 11 2.95 0.20 17.79
CA VAL B 11 3.72 0.98 18.78
C VAL B 11 3.14 0.83 20.16
N ARG B 12 1.82 0.86 20.25
CA ARG B 12 1.14 0.83 21.54
C ARG B 12 0.56 -0.52 21.84
N GLY B 13 0.46 -1.45 20.87
CA GLY B 13 -0.12 -2.71 21.12
C GLY B 13 -1.62 -2.67 21.33
N SER B 14 -2.32 -1.98 20.42
CA SER B 14 -3.69 -1.64 20.60
C SER B 14 -4.43 -1.63 19.27
N PRO B 15 -5.74 -1.68 19.29
CA PRO B 15 -6.45 -1.27 18.09
C PRO B 15 -6.10 0.15 17.77
N ALA B 16 -6.14 0.48 16.48
CA ALA B 16 -5.96 1.85 16.01
C ALA B 16 -7.38 2.43 15.89
N ILE B 17 -7.74 3.29 16.82
CA ILE B 17 -9.08 3.83 16.97
C ILE B 17 -9.22 5.15 16.25
N ASN B 18 -10.41 5.38 15.65
CA ASN B 18 -10.73 6.66 15.01
C ASN B 18 -9.84 6.95 13.83
N VAL B 19 -9.45 5.90 13.11
CA VAL B 19 -8.69 6.04 11.88
C VAL B 19 -9.66 6.16 10.73
N ALA B 20 -9.49 7.16 9.87
CA ALA B 20 -10.33 7.38 8.68
C ALA B 20 -9.93 6.39 7.61
N VAL B 21 -10.91 5.76 7.03
CA VAL B 21 -10.78 4.77 5.98
C VAL B 21 -11.71 5.14 4.84
N HIS B 22 -11.18 5.21 3.64
CA HIS B 22 -11.91 5.48 2.43
C HIS B 22 -11.77 4.33 1.48
N VAL B 23 -12.87 3.89 0.92
CA VAL B 23 -12.93 2.87 -0.10
C VAL B 23 -13.36 3.50 -1.41
N PHE B 24 -12.72 3.13 -2.49
CA PHE B 24 -12.94 3.62 -3.82
C PHE B 24 -13.14 2.42 -4.76
N ARG B 25 -13.91 2.62 -5.80
CA ARG B 25 -14.07 1.60 -6.84
C ARG B 25 -13.54 2.20 -8.14
N LYS B 26 -12.77 1.41 -8.86
CA LYS B 26 -12.22 1.89 -10.13
C LYS B 26 -13.32 1.95 -11.20
N ALA B 27 -13.45 3.11 -11.82
CA ALA B 27 -14.39 3.40 -12.86
C ALA B 27 -13.89 2.98 -14.23
N ALA B 28 -14.78 2.90 -15.22
CA ALA B 28 -14.40 2.49 -16.56
C ALA B 28 -13.23 3.31 -17.13
N ASP B 29 -13.24 4.61 -16.80
CA ASP B 29 -12.26 5.58 -17.27
C ASP B 29 -10.97 5.62 -16.47
N ASP B 30 -10.79 4.62 -15.61
CA ASP B 30 -9.68 4.31 -14.75
C ASP B 30 -9.48 5.29 -13.59
N THR B 31 -10.49 6.08 -13.27
CA THR B 31 -10.37 6.95 -12.11
C THR B 31 -10.99 6.22 -10.91
N TRP B 32 -10.64 6.69 -9.72
CA TRP B 32 -11.12 6.17 -8.44
C TRP B 32 -12.33 6.93 -7.96
N GLU B 33 -13.45 6.24 -7.77
CA GLU B 33 -14.69 6.88 -7.38
C GLU B 33 -15.02 6.48 -5.96
N PRO B 34 -15.32 7.46 -5.12
CA PRO B 34 -15.72 7.13 -3.73
C PRO B 34 -16.81 6.07 -3.69
N PHE B 35 -16.63 5.11 -2.79
CA PHE B 35 -17.52 3.99 -2.65
C PHE B 35 -18.10 3.88 -1.25
N ALA B 36 -17.29 4.00 -0.23
CA ALA B 36 -17.73 3.94 1.12
C ALA B 36 -16.63 4.50 2.02
N SER B 37 -16.97 4.86 3.25
CA SER B 37 -15.92 5.35 4.15
C SER B 37 -16.41 5.30 5.60
N GLY B 38 -15.48 5.48 6.53
CA GLY B 38 -15.86 5.51 7.94
C GLY B 38 -14.63 5.77 8.80
N LYS B 39 -14.82 5.63 10.10
CA LYS B 39 -13.68 5.68 11.05
C LYS B 39 -13.66 4.39 11.82
N THR B 40 -12.50 3.86 12.10
CA THR B 40 -12.46 2.67 12.93
C THR B 40 -13.00 2.89 14.32
N SER B 41 -13.59 1.85 14.87
CA SER B 41 -14.21 1.82 16.20
C SER B 41 -13.16 1.66 17.26
N GLU B 42 -13.64 1.57 18.53
CA GLU B 42 -12.77 1.29 19.66
C GLU B 42 -12.04 -0.04 19.54
N SER B 43 -12.55 -0.98 18.72
CA SER B 43 -11.81 -2.22 18.53
C SER B 43 -10.94 -2.13 17.26
N GLY B 44 -10.80 -1.00 16.62
CA GLY B 44 -9.97 -0.87 15.42
C GLY B 44 -10.67 -1.38 14.18
N GLU B 45 -11.98 -1.58 14.26
CA GLU B 45 -12.71 -2.24 13.16
C GLU B 45 -13.64 -1.25 12.50
N LEU B 46 -13.90 -1.45 11.22
CA LEU B 46 -14.87 -0.69 10.52
C LEU B 46 -15.74 -1.73 9.79
N HIS B 47 -16.99 -1.81 10.29
CA HIS B 47 -18.04 -2.66 9.76
C HIS B 47 -19.03 -1.78 8.99
N GLY B 48 -19.86 -2.43 8.19
CA GLY B 48 -20.98 -1.72 7.61
C GLY B 48 -20.65 -0.91 6.40
N LEU B 49 -19.47 -1.11 5.80
CA LEU B 49 -19.09 -0.30 4.65
C LEU B 49 -19.97 -0.46 3.42
N THR B 50 -20.41 -1.70 3.16
CA THR B 50 -21.22 -1.99 2.00
C THR B 50 -22.14 -3.18 2.26
N THR B 51 -22.86 -3.56 1.24
CA THR B 51 -23.76 -4.69 1.31
C THR B 51 -23.41 -5.65 0.19
N GLU B 52 -23.88 -6.89 0.28
CA GLU B 52 -23.67 -7.82 -0.84
C GLU B 52 -24.19 -7.27 -2.14
N GLU B 53 -25.39 -6.68 -2.20
CA GLU B 53 -25.90 -6.17 -3.46
C GLU B 53 -24.96 -5.13 -4.08
N GLU B 54 -24.41 -4.23 -3.26
CA GLU B 54 -23.60 -3.13 -3.78
C GLU B 54 -22.16 -3.51 -4.16
N PHE B 55 -21.60 -4.54 -3.58
CA PHE B 55 -20.21 -4.90 -3.72
C PHE B 55 -19.93 -5.90 -4.83
N VAL B 56 -20.07 -5.37 -6.02
CA VAL B 56 -19.95 -6.16 -7.23
C VAL B 56 -18.47 -6.36 -7.59
N GLU B 57 -18.19 -7.30 -8.50
CA GLU B 57 -16.84 -7.51 -8.99
C GLU B 57 -16.25 -6.19 -9.46
N GLY B 58 -14.96 -6.06 -9.24
CA GLY B 58 -14.29 -4.83 -9.73
C GLY B 58 -13.01 -4.64 -8.93
N ILE B 59 -12.28 -3.58 -9.23
CA ILE B 59 -11.08 -3.22 -8.51
C ILE B 59 -11.43 -2.15 -7.49
N TYR B 60 -11.00 -2.38 -6.26
CA TYR B 60 -11.26 -1.51 -5.15
C TYR B 60 -9.93 -1.06 -4.51
N LYS B 61 -9.97 0.14 -3.96
CA LYS B 61 -8.83 0.67 -3.22
C LYS B 61 -9.35 1.08 -1.85
N VAL B 62 -8.68 0.61 -0.80
CA VAL B 62 -8.91 1.01 0.58
C VAL B 62 -7.74 1.92 0.95
N GLU B 63 -8.05 3.16 1.31
CA GLU B 63 -7.03 4.10 1.78
C GLU B 63 -7.24 4.31 3.27
N ILE B 64 -6.18 4.12 4.05
CA ILE B 64 -6.22 4.22 5.48
C ILE B 64 -5.40 5.45 5.84
N ASP B 65 -5.96 6.40 6.57
CA ASP B 65 -5.28 7.67 6.83
C ASP B 65 -4.39 7.55 8.05
N THR B 66 -3.26 6.87 7.79
CA THR B 66 -2.29 6.59 8.85
C THR B 66 -1.60 7.85 9.32
N LYS B 67 -1.37 8.79 8.45
CA LYS B 67 -0.61 10.00 8.81
C LYS B 67 -1.37 10.75 9.91
N SER B 68 -2.67 10.95 9.75
CA SER B 68 -3.44 11.68 10.73
C SER B 68 -3.46 10.92 12.06
N TYR B 69 -3.53 9.60 11.99
CA TYR B 69 -3.54 8.75 13.20
C TYR B 69 -2.27 9.01 14.03
N TRP B 70 -1.13 8.94 13.37
CA TRP B 70 0.14 9.13 14.07
C TRP B 70 0.26 10.57 14.58
N LYS B 71 -0.18 11.50 13.74
CA LYS B 71 0.03 12.91 14.13
C LYS B 71 -0.83 13.15 15.37
N ALA B 72 -2.01 12.54 15.55
CA ALA B 72 -2.86 12.90 16.70
C ALA B 72 -2.27 12.28 17.96
N LEU B 73 -1.40 11.27 17.80
CA LEU B 73 -0.71 10.65 18.91
C LEU B 73 0.64 11.28 19.19
N GLY B 74 0.98 12.33 18.43
CA GLY B 74 2.24 13.00 18.69
C GLY B 74 3.44 12.29 18.07
N ILE B 75 3.25 11.43 17.05
CA ILE B 75 4.32 10.62 16.52
C ILE B 75 4.57 10.95 15.05
N SER B 76 5.84 11.06 14.65
CA SER B 76 6.28 11.40 13.29
C SER B 76 6.25 10.14 12.39
N PRO B 77 5.40 10.13 11.38
CA PRO B 77 5.32 8.98 10.48
C PRO B 77 5.86 9.22 9.08
N PHE B 78 6.11 8.11 8.41
CA PHE B 78 6.67 8.17 7.12
C PHE B 78 5.63 8.32 6.02
N HIS B 79 4.58 7.49 6.04
CA HIS B 79 3.64 7.43 4.96
C HIS B 79 2.59 8.53 4.99
N GLU B 80 2.10 8.90 3.81
CA GLU B 80 0.90 9.74 3.74
C GLU B 80 -0.37 8.99 4.14
N HIS B 81 -0.45 7.77 3.67
CA HIS B 81 -1.59 6.90 3.97
C HIS B 81 -1.11 5.51 3.61
N ALA B 82 -1.88 4.50 4.01
CA ALA B 82 -1.70 3.14 3.55
C ALA B 82 -2.75 2.80 2.51
N GLU B 83 -2.40 2.04 1.52
CA GLU B 83 -3.34 1.66 0.50
C GLU B 83 -3.36 0.15 0.35
N VAL B 84 -4.58 -0.31 0.05
CA VAL B 84 -4.79 -1.71 -0.26
C VAL B 84 -5.61 -1.76 -1.54
N VAL B 85 -5.09 -2.31 -2.64
CA VAL B 85 -5.74 -2.31 -3.95
C VAL B 85 -5.93 -3.75 -4.37
N PHE B 86 -7.16 -4.17 -4.70
CA PHE B 86 -7.45 -5.58 -4.95
C PHE B 86 -8.66 -5.71 -5.86
N THR B 87 -8.73 -6.83 -6.57
CA THR B 87 -9.97 -7.18 -7.32
C THR B 87 -10.87 -8.04 -6.46
N ALA B 88 -12.16 -7.67 -6.41
CA ALA B 88 -13.19 -8.52 -5.83
C ALA B 88 -13.64 -9.51 -6.91
N ASN B 89 -13.61 -10.80 -6.67
CA ASN B 89 -14.02 -11.87 -7.55
C ASN B 89 -15.08 -12.69 -6.88
N ASP B 90 -16.30 -12.87 -7.45
CA ASP B 90 -17.12 -13.65 -6.46
C ASP B 90 -17.23 -15.10 -6.91
N SER B 91 -16.14 -15.61 -7.49
CA SER B 91 -16.17 -16.96 -8.05
C SER B 91 -16.56 -17.95 -6.97
N GLY B 92 -15.90 -17.83 -5.83
CA GLY B 92 -15.90 -18.63 -4.66
C GLY B 92 -16.20 -18.06 -3.29
N PRO B 93 -15.23 -17.41 -2.67
CA PRO B 93 -15.19 -16.87 -1.29
C PRO B 93 -15.65 -15.44 -1.10
N ARG B 94 -16.55 -15.31 -0.11
CA ARG B 94 -17.49 -14.21 -0.11
C ARG B 94 -17.24 -13.06 0.81
N ARG B 95 -16.44 -13.27 1.83
CA ARG B 95 -16.22 -12.16 2.76
C ARG B 95 -14.78 -11.82 2.79
N TYR B 96 -14.51 -10.50 2.79
CA TYR B 96 -13.15 -9.96 2.74
C TYR B 96 -12.86 -9.24 4.05
N THR B 97 -11.83 -9.62 4.78
CA THR B 97 -11.32 -8.80 5.85
C THR B 97 -9.97 -8.28 5.43
N ILE B 98 -9.83 -6.98 5.44
CA ILE B 98 -8.57 -6.27 5.10
C ILE B 98 -7.99 -5.78 6.42
N ALA B 99 -6.84 -6.31 6.82
CA ALA B 99 -6.22 -5.94 8.06
C ALA B 99 -4.92 -5.17 7.77
N ALA B 100 -4.62 -4.20 8.60
CA ALA B 100 -3.41 -3.40 8.50
C ALA B 100 -2.81 -3.23 9.89
N LEU B 101 -1.49 -3.47 9.99
CA LEU B 101 -0.73 -3.36 11.21
C LEU B 101 0.24 -2.19 11.02
N LEU B 102 0.04 -1.15 11.79
CA LEU B 102 0.71 0.12 11.57
C LEU B 102 1.92 0.32 12.48
N SER B 103 3.03 0.76 11.86
CA SER B 103 4.17 1.31 12.58
C SER B 103 4.54 2.62 11.91
N PRO B 104 5.39 3.46 12.52
CA PRO B 104 5.69 4.73 11.91
C PRO B 104 6.33 4.64 10.55
N TYR B 105 7.27 3.69 10.31
CA TYR B 105 7.99 3.59 9.04
C TYR B 105 7.67 2.27 8.35
N SER B 106 6.68 1.54 8.79
CA SER B 106 6.32 0.29 8.10
C SER B 106 4.88 0.01 8.27
N TYR B 107 4.36 -0.83 7.39
CA TYR B 107 3.05 -1.40 7.65
CA TYR B 107 3.06 -1.43 7.67
C TYR B 107 3.00 -2.79 6.98
N SER B 108 2.15 -3.61 7.54
CA SER B 108 1.86 -4.93 7.04
C SER B 108 0.35 -4.94 6.71
N THR B 109 -0.01 -5.59 5.64
CA THR B 109 -1.46 -5.74 5.35
C THR B 109 -1.71 -7.16 4.89
N MET B 110 -2.84 -7.68 5.30
CA MET B 110 -3.23 -9.05 4.98
C MET B 110 -4.67 -9.04 4.53
N ALA B 111 -5.06 -9.99 3.72
CA ALA B 111 -6.48 -10.17 3.38
C ALA B 111 -6.84 -11.61 3.77
N VAL B 112 -7.95 -11.68 4.50
CA VAL B 112 -8.54 -12.97 4.84
C VAL B 112 -9.83 -13.04 4.02
N VAL B 113 -9.94 -14.05 3.18
CA VAL B 113 -11.11 -14.18 2.29
C VAL B 113 -11.75 -15.52 2.66
N THR B 114 -12.97 -15.45 3.18
CA THR B 114 -13.62 -16.64 3.66
C THR B 114 -15.09 -16.74 3.24
N ASN B 115 -15.67 -17.89 3.49
CA ASN B 115 -16.80 -18.73 3.48
C ASN B 115 -17.49 -19.02 2.14
C1 T44 C . 19.44 -6.66 3.85
C2 T44 C . 18.59 -7.76 3.84
C3 T44 C . 17.22 -7.58 3.64
C4 T44 C . 16.67 -6.33 3.45
C5 T44 C . 17.54 -5.26 3.43
C6 T44 C . 18.91 -5.45 3.56
C7 T44 C . 20.89 -6.77 4.05
C1' T44 C . 14.57 -6.15 4.27
C2' T44 C . 14.86 -6.27 5.56
C3' T44 C . 13.79 -6.20 6.45
C4' T44 C . 12.45 -6.04 6.10
C5' T44 C . 12.17 -5.86 4.74
C6' T44 C . 13.24 -5.91 3.82
O4 T44 C . 15.33 -6.23 3.13
O4' T44 C . 11.57 -6.07 7.11
I3 T44 C . 16.00 -9.27 3.67
I3' T44 C . 14.33 -6.35 8.47
I5 T44 C . 16.97 -3.26 3.32
I5' T44 C . 10.16 -5.54 4.13
C1 T44 D . -8.69 -10.89 15.51
C2 T44 D . -7.53 -10.29 16.01
C3 T44 D . -6.65 -9.68 15.14
C4 T44 D . -6.86 -9.67 13.78
C5 T44 D . -8.01 -10.24 13.30
C6 T44 D . -8.95 -10.79 14.16
C7 T44 D . -9.71 -11.58 16.32
C1' T44 D . -4.93 -9.33 12.31
C2' T44 D . -4.40 -10.53 12.48
C3' T44 D . -3.21 -10.79 11.80
C4' T44 D . -2.55 -9.85 10.99
C5' T44 D . -3.13 -8.58 10.86
C6' T44 D . -4.34 -8.30 11.54
O4 T44 D . -6.11 -8.95 12.90
O4' T44 D . -1.45 -10.21 10.36
I3 T44 D . -4.85 -8.81 15.80
I3' T44 D . -2.48 -12.70 12.15
I5 T44 D . -8.46 -10.34 11.25
I5' T44 D . -2.19 -7.22 9.55
#